data_8H7O
#
_entry.id   8H7O
#
_cell.length_a   36.850
_cell.length_b   78.530
_cell.length_c   41.160
_cell.angle_alpha   90.000
_cell.angle_beta   114.840
_cell.angle_gamma   90.000
#
_symmetry.space_group_name_H-M   'P 1 21 1'
#
loop_
_entity.id
_entity.type
_entity.pdbx_description
1 polymer Subtilisin
2 non-polymer 'CALCIUM ION'
3 non-polymer 'ISOPROPYL ALCOHOL'
4 water water
#
_entity_poly.entity_id   1
_entity_poly.type   'polypeptide(L)'
_entity_poly.pdbx_seq_one_letter_code
;AQSVPYGVSQIKAPALHSQGYTGSNVKVAVIDSGIDSSHPDLKVAGGASMVPSETNPFQDNLLHGTHVAGTVAALNNSIG
VLGVAPSASLYAVKVLGADGSGQYSWIINGIEWAIANNMDVINMSLGGPSGSAALKAAVDKAVASGVVVVAAAGNEGTSG
SSSTVGYPGKYPSVIAVGAVDSSNQRASFSSVGPELDVMAPGVSIQSTLPGNKYGALFGTSMASAHVAGAAALILSKHPN
WTNTQVRSSLENTTTKLGDSFYYGKGLINVQAAAQHHHHHH
;
_entity_poly.pdbx_strand_id   A
#
loop_
_chem_comp.id
_chem_comp.type
_chem_comp.name
_chem_comp.formula
CA non-polymer 'CALCIUM ION' 'Ca 2'
IPA non-polymer 'ISOPROPYL ALCOHOL' 'C3 H8 O'
#
# COMPACT_ATOMS: atom_id res chain seq x y z
N ALA A 1 1.16 12.86 -22.88
CA ALA A 1 2.15 13.24 -21.85
C ALA A 1 1.84 12.52 -20.53
N GLN A 2 2.89 12.13 -19.86
CA GLN A 2 2.83 11.48 -18.53
C GLN A 2 2.98 12.57 -17.49
N SER A 3 2.21 12.49 -16.41
CA SER A 3 2.29 13.44 -15.27
C SER A 3 2.76 12.62 -14.07
N VAL A 4 3.61 13.20 -13.26
CA VAL A 4 4.06 12.51 -12.04
C VAL A 4 3.18 13.04 -10.94
N PRO A 5 2.29 12.22 -10.35
CA PRO A 5 1.45 12.71 -9.26
C PRO A 5 2.33 13.25 -8.14
N TYR A 6 1.86 14.31 -7.52
CA TYR A 6 2.67 15.04 -6.50
C TYR A 6 3.09 14.09 -5.38
N GLY A 7 2.24 13.13 -5.00
CA GLY A 7 2.53 12.22 -3.87
C GLY A 7 3.74 11.35 -4.15
N VAL A 8 3.98 10.98 -5.40
CA VAL A 8 5.15 10.16 -5.79
C VAL A 8 6.39 11.03 -5.60
N SER A 9 6.35 12.30 -6.00
CA SER A 9 7.47 13.26 -5.74
C SER A 9 7.67 13.49 -4.23
N GLN A 10 6.58 13.54 -3.47
CA GLN A 10 6.59 13.98 -2.05
C GLN A 10 7.35 12.95 -1.22
N ILE A 11 7.28 11.67 -1.61
CA ILE A 11 8.00 10.59 -0.87
C ILE A 11 9.38 10.36 -1.48
N LYS A 12 9.80 11.14 -2.45
CA LYS A 12 11.15 11.16 -3.06
C LYS A 12 11.42 9.89 -3.88
N ALA A 13 10.39 9.31 -4.51
CA ALA A 13 10.57 8.13 -5.38
C ALA A 13 11.36 8.45 -6.65
N PRO A 14 11.17 9.62 -7.32
CA PRO A 14 11.90 9.86 -8.57
C PRO A 14 13.42 9.82 -8.39
N ALA A 15 13.95 10.17 -7.24
CA ALA A 15 15.43 10.11 -7.01
C ALA A 15 15.89 8.67 -7.23
N LEU A 16 15.11 7.70 -6.76
CA LEU A 16 15.51 6.30 -6.96
C LEU A 16 15.27 5.88 -8.39
N HIS A 17 14.19 6.32 -9.05
CA HIS A 17 14.01 5.98 -10.48
C HIS A 17 15.20 6.43 -11.31
N SER A 18 15.75 7.59 -10.99
CA SER A 18 16.84 8.15 -11.82
C SER A 18 18.11 7.30 -11.62
N GLN A 19 18.23 6.57 -10.51
CA GLN A 19 19.36 5.63 -10.29
C GLN A 19 19.12 4.26 -10.90
N GLY A 20 17.95 4.01 -11.48
CA GLY A 20 17.62 2.69 -12.03
C GLY A 20 16.95 1.74 -11.04
N TYR A 21 16.44 2.26 -9.93
CA TYR A 21 15.68 1.46 -8.95
C TYR A 21 14.20 1.75 -9.20
N THR A 22 13.48 0.76 -9.69
CA THR A 22 12.08 0.96 -10.13
C THR A 22 11.18 -0.16 -9.61
N GLY A 23 11.68 -1.06 -8.79
CA GLY A 23 10.87 -2.18 -8.24
C GLY A 23 10.88 -3.40 -9.14
N SER A 24 11.83 -3.52 -10.08
CA SER A 24 11.86 -4.63 -11.06
C SER A 24 11.89 -5.97 -10.34
N ASN A 25 11.01 -6.87 -10.78
CA ASN A 25 10.94 -8.28 -10.36
C ASN A 25 10.43 -8.36 -8.91
N VAL A 26 9.99 -7.25 -8.28
CA VAL A 26 9.40 -7.33 -6.92
C VAL A 26 7.90 -7.60 -7.06
N LYS A 27 7.36 -8.61 -6.40
CA LYS A 27 5.95 -9.00 -6.53
C LYS A 27 5.18 -8.27 -5.45
N VAL A 28 4.19 -7.54 -5.90
CA VAL A 28 3.31 -6.76 -4.99
C VAL A 28 1.87 -7.23 -5.20
N ALA A 29 1.22 -7.64 -4.15
CA ALA A 29 -0.21 -8.02 -4.18
C ALA A 29 -1.02 -6.83 -3.69
N VAL A 30 -2.00 -6.41 -4.49
CA VAL A 30 -3.00 -5.40 -4.12
C VAL A 30 -4.24 -6.17 -3.70
N ILE A 31 -4.43 -6.25 -2.40
CA ILE A 31 -5.59 -6.97 -1.83
C ILE A 31 -6.72 -5.98 -1.67
N ASP A 32 -7.66 -5.99 -2.63
CA ASP A 32 -8.64 -4.89 -2.79
C ASP A 32 -9.73 -5.37 -3.75
N SER A 33 -10.20 -4.53 -4.65
CA SER A 33 -11.38 -4.79 -5.53
C SER A 33 -10.99 -5.41 -6.88
N GLY A 34 -9.72 -5.85 -7.04
CA GLY A 34 -9.21 -6.30 -8.35
C GLY A 34 -8.42 -5.21 -9.04
N ILE A 35 -7.90 -5.50 -10.21
CA ILE A 35 -7.13 -4.51 -11.01
C ILE A 35 -7.58 -4.68 -12.46
N ASP A 36 -7.92 -3.60 -13.12
CA ASP A 36 -8.23 -3.65 -14.57
C ASP A 36 -6.96 -3.95 -15.35
N SER A 37 -6.87 -5.15 -15.92
CA SER A 37 -5.67 -5.57 -16.67
C SER A 37 -5.61 -4.97 -18.09
N SER A 38 -6.68 -4.33 -18.55
CA SER A 38 -6.77 -3.75 -19.91
C SER A 38 -6.22 -2.33 -19.94
N HIS A 39 -5.79 -1.78 -18.80
CA HIS A 39 -5.45 -0.34 -18.74
C HIS A 39 -4.08 -0.14 -19.39
N PRO A 40 -3.89 0.81 -20.33
CA PRO A 40 -2.61 0.95 -21.03
C PRO A 40 -1.46 1.41 -20.11
N ASP A 41 -1.79 1.93 -18.93
CA ASP A 41 -0.76 2.40 -17.98
C ASP A 41 -0.52 1.41 -16.85
N LEU A 42 -1.00 0.18 -16.93
CA LEU A 42 -0.75 -0.83 -15.88
C LEU A 42 -0.40 -2.15 -16.49
N LYS A 43 0.58 -2.84 -15.94
CA LYS A 43 0.93 -4.19 -16.37
C LYS A 43 0.63 -5.16 -15.24
N VAL A 44 -0.43 -5.91 -15.35
CA VAL A 44 -0.80 -6.88 -14.31
C VAL A 44 -0.11 -8.21 -14.63
N ALA A 45 0.62 -8.77 -13.67
CA ALA A 45 1.38 -10.02 -13.83
C ALA A 45 0.56 -11.26 -13.49
N GLY A 46 -0.39 -11.13 -12.57
CA GLY A 46 -1.20 -12.27 -12.12
C GLY A 46 -2.14 -11.89 -11.02
N GLY A 47 -2.61 -12.87 -10.26
CA GLY A 47 -3.54 -12.63 -9.14
C GLY A 47 -4.62 -13.66 -9.08
N ALA A 48 -5.68 -13.39 -8.32
CA ALA A 48 -6.72 -14.37 -7.99
C ALA A 48 -7.93 -13.64 -7.47
N SER A 49 -9.12 -14.17 -7.68
CA SER A 49 -10.31 -13.68 -6.97
C SER A 49 -10.68 -14.63 -5.86
N MET A 50 -10.98 -14.05 -4.70
CA MET A 50 -11.48 -14.79 -3.53
C MET A 50 -12.98 -14.55 -3.36
N VAL A 51 -13.63 -13.85 -4.26
CA VAL A 51 -15.09 -13.55 -4.17
C VAL A 51 -15.81 -14.70 -4.89
N PRO A 52 -16.60 -15.53 -4.18
CA PRO A 52 -17.23 -16.67 -4.85
C PRO A 52 -18.06 -16.29 -6.08
N SER A 53 -18.78 -15.18 -6.04
CA SER A 53 -19.72 -14.83 -7.14
C SER A 53 -18.99 -14.14 -8.32
N GLU A 54 -17.68 -13.90 -8.21
CA GLU A 54 -17.01 -12.91 -9.08
C GLU A 54 -15.61 -13.42 -9.36
N THR A 55 -15.49 -14.29 -10.35
CA THR A 55 -14.34 -15.21 -10.54
C THR A 55 -13.21 -14.49 -11.28
N ASN A 56 -13.42 -13.27 -11.76
CA ASN A 56 -12.38 -12.57 -12.56
C ASN A 56 -11.75 -11.48 -11.72
N PRO A 57 -10.48 -11.60 -11.32
CA PRO A 57 -9.88 -10.57 -10.49
C PRO A 57 -9.47 -9.35 -11.30
N PHE A 58 -9.61 -9.42 -12.62
CA PHE A 58 -9.14 -8.34 -13.52
C PHE A 58 -10.32 -7.50 -13.98
N GLN A 59 -11.49 -7.76 -13.41
CA GLN A 59 -12.73 -6.96 -13.60
C GLN A 59 -12.87 -6.16 -12.32
N ASP A 60 -12.54 -4.87 -12.36
CA ASP A 60 -12.60 -3.99 -11.17
C ASP A 60 -13.86 -3.12 -11.24
N ASN A 61 -14.89 -3.57 -10.53
CA ASN A 61 -16.22 -2.92 -10.46
C ASN A 61 -16.20 -1.71 -9.52
N LEU A 62 -15.42 -1.78 -8.45
CA LEU A 62 -15.41 -0.75 -7.38
C LEU A 62 -14.38 0.35 -7.67
N LEU A 63 -13.46 0.13 -8.61
CA LEU A 63 -12.51 1.14 -9.16
C LEU A 63 -11.32 1.35 -8.22
N HIS A 64 -11.43 1.18 -6.90
CA HIS A 64 -10.32 1.64 -6.05
C HIS A 64 -9.14 0.67 -6.12
N GLY A 65 -9.31 -0.62 -6.41
CA GLY A 65 -8.13 -1.49 -6.49
C GLY A 65 -7.24 -1.08 -7.67
N THR A 66 -7.83 -0.67 -8.79
CA THR A 66 -7.06 -0.19 -9.96
C THR A 66 -6.32 1.11 -9.62
N HIS A 67 -6.93 1.93 -8.78
CA HIS A 67 -6.34 3.21 -8.36
C HIS A 67 -5.14 2.96 -7.45
N VAL A 68 -5.29 2.06 -6.49
CA VAL A 68 -4.18 1.69 -5.58
C VAL A 68 -3.05 1.12 -6.47
N ALA A 69 -3.39 0.24 -7.40
CA ALA A 69 -2.41 -0.42 -8.27
C ALA A 69 -1.60 0.63 -9.00
N GLY A 70 -2.25 1.69 -9.51
CA GLY A 70 -1.54 2.76 -10.24
C GLY A 70 -0.58 3.56 -9.36
N THR A 71 -0.95 3.75 -8.11
CA THR A 71 -0.02 4.40 -7.17
C THR A 71 1.18 3.50 -6.91
N VAL A 72 0.97 2.20 -6.79
CA VAL A 72 2.10 1.27 -6.62
C VAL A 72 2.96 1.27 -7.89
N ALA A 73 2.35 1.15 -9.08
CA ALA A 73 3.13 0.68 -10.26
C ALA A 73 2.61 1.18 -11.60
N ALA A 74 1.98 2.33 -11.69
CA ALA A 74 1.66 2.83 -13.04
C ALA A 74 2.96 2.94 -13.83
N LEU A 75 2.87 2.60 -15.11
CA LEU A 75 4.07 2.41 -15.91
C LEU A 75 4.73 3.74 -16.28
N ASN A 76 6.05 3.70 -16.44
CA ASN A 76 6.86 4.83 -16.93
C ASN A 76 6.90 4.79 -18.45
N ASN A 77 6.18 5.73 -19.05
CA ASN A 77 5.99 5.82 -20.51
C ASN A 77 5.58 7.25 -20.85
N SER A 78 4.82 7.46 -21.94
CA SER A 78 4.43 8.80 -22.38
C SER A 78 2.97 9.06 -22.06
N ILE A 79 2.32 8.26 -21.20
CA ILE A 79 0.87 8.47 -20.95
C ILE A 79 0.66 8.49 -19.44
N GLY A 80 -0.47 9.05 -19.06
CA GLY A 80 -1.03 8.73 -17.75
C GLY A 80 -0.21 9.27 -16.61
N VAL A 81 0.00 8.39 -15.63
CA VAL A 81 0.67 8.73 -14.37
C VAL A 81 1.94 7.90 -14.26
N LEU A 82 2.51 7.86 -13.07
CA LEU A 82 3.78 7.13 -12.80
C LEU A 82 3.65 6.57 -11.40
N GLY A 83 3.87 5.29 -11.22
CA GLY A 83 3.80 4.64 -9.90
C GLY A 83 5.06 4.92 -9.12
N VAL A 84 4.99 4.61 -7.84
CA VAL A 84 6.18 4.64 -6.98
C VAL A 84 7.21 3.60 -7.45
N ALA A 85 6.75 2.44 -7.90
CA ALA A 85 7.60 1.30 -8.31
C ALA A 85 7.10 0.86 -9.68
N PRO A 86 7.43 1.65 -10.72
CA PRO A 86 6.81 1.43 -12.03
C PRO A 86 7.20 0.13 -12.72
N SER A 87 8.26 -0.55 -12.27
CA SER A 87 8.64 -1.86 -12.84
C SER A 87 8.15 -3.01 -11.97
N ALA A 88 7.38 -2.76 -10.90
CA ALA A 88 6.97 -3.89 -10.02
C ALA A 88 6.05 -4.86 -10.77
N SER A 89 6.07 -6.11 -10.30
CA SER A 89 5.17 -7.22 -10.75
C SER A 89 3.89 -7.14 -9.94
N LEU A 90 2.82 -6.68 -10.55
CA LEU A 90 1.57 -6.32 -9.87
C LEU A 90 0.61 -7.50 -9.91
N TYR A 91 0.05 -7.85 -8.79
CA TYR A 91 -0.90 -8.98 -8.63
C TYR A 91 -2.21 -8.47 -8.06
N ALA A 92 -3.28 -8.76 -8.76
CA ALA A 92 -4.66 -8.40 -8.37
C ALA A 92 -5.20 -9.48 -7.45
N VAL A 93 -5.56 -9.14 -6.25
CA VAL A 93 -6.21 -10.11 -5.33
C VAL A 93 -7.56 -9.54 -4.94
N LYS A 94 -8.62 -9.97 -5.62
CA LYS A 94 -9.97 -9.41 -5.42
C LYS A 94 -10.62 -10.08 -4.21
N VAL A 95 -10.94 -9.28 -3.21
CA VAL A 95 -11.59 -9.77 -1.97
C VAL A 95 -12.85 -8.99 -1.62
N LEU A 96 -13.29 -8.09 -2.49
CA LEU A 96 -14.52 -7.30 -2.30
C LEU A 96 -15.45 -7.56 -3.48
N GLY A 97 -16.74 -7.80 -3.22
CA GLY A 97 -17.74 -7.98 -4.28
C GLY A 97 -18.28 -6.66 -4.83
N ALA A 98 -19.00 -6.75 -5.94
CA ALA A 98 -19.56 -5.61 -6.70
C ALA A 98 -20.40 -4.73 -5.81
N ASP A 99 -20.93 -5.27 -4.71
CA ASP A 99 -21.79 -4.51 -3.77
C ASP A 99 -20.96 -3.64 -2.80
N GLY A 100 -19.63 -3.82 -2.72
CA GLY A 100 -18.72 -3.06 -1.83
C GLY A 100 -18.24 -3.84 -0.62
N SER A 101 -18.85 -5.01 -0.34
CA SER A 101 -18.66 -5.81 0.90
C SER A 101 -17.70 -6.97 0.65
N GLY A 102 -17.04 -7.44 1.71
CA GLY A 102 -16.03 -8.51 1.71
C GLY A 102 -16.01 -9.27 3.03
N GLN A 103 -16.39 -10.53 2.98
CA GLN A 103 -16.32 -11.39 4.19
C GLN A 103 -14.87 -11.51 4.65
N TYR A 104 -14.62 -11.67 5.94
CA TYR A 104 -13.25 -11.81 6.49
C TYR A 104 -12.58 -13.05 5.87
N SER A 105 -13.32 -14.13 5.62
CA SER A 105 -12.73 -15.35 5.04
C SER A 105 -12.06 -14.98 3.70
N TRP A 106 -12.70 -14.10 2.94
CA TRP A 106 -12.16 -13.80 1.58
C TRP A 106 -10.83 -13.09 1.71
N ILE A 107 -10.75 -12.16 2.65
CA ILE A 107 -9.50 -11.38 2.86
C ILE A 107 -8.41 -12.34 3.36
N ILE A 108 -8.74 -13.22 4.33
CA ILE A 108 -7.72 -14.15 4.87
C ILE A 108 -7.26 -15.11 3.78
N ASN A 109 -8.21 -15.60 2.97
CA ASN A 109 -7.88 -16.46 1.81
C ASN A 109 -6.92 -15.70 0.88
N GLY A 110 -7.14 -14.39 0.66
CA GLY A 110 -6.25 -13.59 -0.19
C GLY A 110 -4.85 -13.51 0.38
N ILE A 111 -4.73 -13.35 1.70
CA ILE A 111 -3.40 -13.30 2.34
C ILE A 111 -2.72 -14.65 2.17
N GLU A 112 -3.42 -15.76 2.42
CA GLU A 112 -2.85 -17.11 2.23
C GLU A 112 -2.39 -17.31 0.79
N TRP A 113 -3.20 -16.87 -0.17
CA TRP A 113 -2.85 -16.89 -1.61
C TRP A 113 -1.52 -16.16 -1.78
N ALA A 114 -1.40 -14.99 -1.18
CA ALA A 114 -0.20 -14.16 -1.41
C ALA A 114 1.06 -14.89 -0.88
N ILE A 115 0.95 -15.52 0.29
CA ILE A 115 2.11 -16.31 0.81
C ILE A 115 2.43 -17.48 -0.14
N ALA A 116 1.42 -18.23 -0.53
CA ALA A 116 1.63 -19.39 -1.41
C ALA A 116 2.25 -18.98 -2.75
N ASN A 117 1.97 -17.77 -3.23
CA ASN A 117 2.46 -17.26 -4.54
C ASN A 117 3.67 -16.35 -4.39
N ASN A 118 4.26 -16.33 -3.19
CA ASN A 118 5.56 -15.72 -2.90
C ASN A 118 5.55 -14.21 -3.21
N MET A 119 4.48 -13.54 -2.86
CA MET A 119 4.52 -12.07 -2.89
C MET A 119 5.65 -11.56 -2.01
N ASP A 120 6.31 -10.51 -2.45
CA ASP A 120 7.33 -9.79 -1.67
C ASP A 120 6.67 -8.75 -0.77
N VAL A 121 5.61 -8.12 -1.27
CA VAL A 121 4.90 -7.04 -0.55
C VAL A 121 3.40 -7.31 -0.68
N ILE A 122 2.65 -7.19 0.41
CA ILE A 122 1.18 -7.24 0.41
C ILE A 122 0.69 -5.87 0.83
N ASN A 123 -0.20 -5.30 0.04
CA ASN A 123 -0.86 -4.03 0.40
C ASN A 123 -2.32 -4.36 0.70
N MET A 124 -2.74 -4.02 1.90
CA MET A 124 -4.16 -4.23 2.24
C MET A 124 -4.77 -2.85 2.40
N SER A 125 -5.57 -2.46 1.44
CA SER A 125 -6.05 -1.07 1.53
C SER A 125 -7.42 -1.04 2.20
N LEU A 126 -7.79 -2.09 2.91
CA LEU A 126 -9.05 -2.24 3.61
C LEU A 126 -8.78 -2.43 5.09
N GLY A 127 -9.77 -2.03 5.84
CA GLY A 127 -9.83 -2.21 7.30
C GLY A 127 -11.18 -2.81 7.67
N GLY A 128 -11.20 -3.50 8.81
CA GLY A 128 -12.45 -3.77 9.54
C GLY A 128 -12.33 -3.17 10.93
N PRO A 129 -13.47 -2.96 11.61
CA PRO A 129 -13.47 -2.48 12.99
C PRO A 129 -13.00 -3.56 13.96
N SER A 130 -13.09 -4.82 13.55
CA SER A 130 -12.78 -5.97 14.44
C SER A 130 -11.76 -6.93 13.78
N GLY A 131 -11.00 -7.62 14.61
CA GLY A 131 -10.04 -8.63 14.13
C GLY A 131 -10.55 -10.04 14.37
N SER A 132 -9.67 -10.99 14.24
CA SER A 132 -9.95 -12.42 14.53
C SER A 132 -8.64 -13.16 14.70
N ALA A 133 -8.61 -14.30 15.35
CA ALA A 133 -7.40 -15.10 15.51
C ALA A 133 -6.88 -15.47 14.13
N ALA A 134 -7.77 -15.81 13.20
CA ALA A 134 -7.35 -16.21 11.83
C ALA A 134 -6.76 -15.02 11.08
N LEU A 135 -7.32 -13.82 11.22
CA LEU A 135 -6.73 -12.67 10.48
C LEU A 135 -5.33 -12.40 11.04
N LYS A 136 -5.20 -12.39 12.36
CA LYS A 136 -3.87 -12.19 13.00
C LYS A 136 -2.92 -13.30 12.57
N ALA A 137 -3.37 -14.53 12.58
CA ALA A 137 -2.51 -15.67 12.17
C ALA A 137 -2.05 -15.52 10.72
N ALA A 138 -2.88 -15.02 9.85
CA ALA A 138 -2.50 -14.92 8.43
C ALA A 138 -1.44 -13.82 8.26
N VAL A 139 -1.64 -12.65 8.86
CA VAL A 139 -0.64 -11.57 8.67
C VAL A 139 0.64 -11.95 9.40
N ASP A 140 0.54 -12.61 10.55
CA ASP A 140 1.75 -13.05 11.27
C ASP A 140 2.52 -14.08 10.43
N LYS A 141 1.82 -15.00 9.77
CA LYS A 141 2.43 -16.03 8.91
C LYS A 141 3.12 -15.35 7.73
N ALA A 142 2.44 -14.37 7.16
CA ALA A 142 3.01 -13.67 6.01
C ALA A 142 4.32 -12.99 6.43
N VAL A 143 4.34 -12.34 7.58
CA VAL A 143 5.58 -11.68 8.03
C VAL A 143 6.65 -12.72 8.40
N ALA A 144 6.24 -13.83 8.98
CA ALA A 144 7.19 -14.91 9.30
C ALA A 144 7.84 -15.46 8.02
N SER A 145 7.12 -15.47 6.91
CA SER A 145 7.55 -16.05 5.62
C SER A 145 8.41 -15.02 4.88
N GLY A 146 8.54 -13.78 5.39
CA GLY A 146 9.40 -12.75 4.81
C GLY A 146 8.65 -11.67 4.05
N VAL A 147 7.33 -11.61 4.08
CA VAL A 147 6.55 -10.63 3.27
C VAL A 147 6.55 -9.32 4.02
N VAL A 148 6.68 -8.21 3.30
CA VAL A 148 6.42 -6.87 3.86
C VAL A 148 4.92 -6.65 3.79
N VAL A 149 4.24 -6.52 4.91
CA VAL A 149 2.77 -6.36 4.95
C VAL A 149 2.43 -4.92 5.32
N VAL A 150 1.74 -4.23 4.43
CA VAL A 150 1.39 -2.81 4.61
C VAL A 150 -0.12 -2.75 4.63
N ALA A 151 -0.68 -1.92 5.47
CA ALA A 151 -2.14 -1.71 5.48
C ALA A 151 -2.51 -0.28 5.73
N ALA A 152 -3.63 0.13 5.18
CA ALA A 152 -4.24 1.42 5.51
C ALA A 152 -4.59 1.41 6.99
N ALA A 153 -4.35 2.53 7.66
CA ALA A 153 -4.68 2.66 9.08
C ALA A 153 -6.18 2.69 9.30
N GLY A 154 -6.93 3.16 8.33
CA GLY A 154 -8.37 3.42 8.45
C GLY A 154 -8.69 4.88 8.26
N ASN A 155 -9.96 5.12 7.99
CA ASN A 155 -10.51 6.46 7.69
C ASN A 155 -11.53 6.88 8.78
N GLU A 156 -11.22 6.58 10.03
CA GLU A 156 -12.19 6.81 11.14
C GLU A 156 -11.91 8.11 11.88
N GLY A 157 -10.84 8.82 11.54
CA GLY A 157 -10.50 10.09 12.21
C GLY A 157 -10.27 9.94 13.70
N THR A 158 -10.55 11.02 14.42
CA THR A 158 -10.30 11.13 15.87
CA THR A 158 -10.29 11.12 15.88
C THR A 158 -11.55 10.75 16.63
N SER A 159 -11.41 9.99 17.71
CA SER A 159 -12.54 9.64 18.59
C SER A 159 -12.10 9.71 20.04
N GLY A 160 -12.15 10.91 20.62
CA GLY A 160 -11.90 11.05 22.06
C GLY A 160 -10.45 10.88 22.33
N SER A 161 -10.08 9.78 22.98
CA SER A 161 -8.69 9.41 23.31
C SER A 161 -8.41 8.00 22.80
N SER A 162 -9.33 7.42 22.03
CA SER A 162 -9.30 6.00 21.62
C SER A 162 -8.42 5.82 20.38
N SER A 163 -7.87 4.62 20.22
CA SER A 163 -7.33 4.19 18.91
C SER A 163 -8.48 3.97 17.94
N THR A 164 -8.37 4.48 16.71
CA THR A 164 -9.36 4.23 15.64
C THR A 164 -8.69 3.49 14.49
N VAL A 165 -7.50 2.95 14.73
CA VAL A 165 -6.78 2.12 13.71
C VAL A 165 -7.57 0.83 13.49
N GLY A 166 -7.79 0.47 12.24
CA GLY A 166 -8.57 -0.71 11.86
C GLY A 166 -7.70 -1.94 11.77
N TYR A 167 -8.31 -3.05 11.45
CA TYR A 167 -7.61 -4.33 11.31
C TYR A 167 -7.47 -4.64 9.84
N PRO A 168 -6.33 -5.22 9.39
CA PRO A 168 -5.26 -5.69 10.24
C PRO A 168 -4.12 -4.70 10.56
N GLY A 169 -4.27 -3.43 10.22
CA GLY A 169 -3.25 -2.43 10.56
C GLY A 169 -2.92 -2.41 12.04
N LYS A 170 -3.92 -2.66 12.90
CA LYS A 170 -3.72 -2.61 14.37
C LYS A 170 -2.78 -3.70 14.86
N TYR A 171 -2.54 -4.76 14.10
CA TYR A 171 -1.62 -5.82 14.59
C TYR A 171 -0.18 -5.38 14.47
N PRO A 172 0.68 -5.74 15.43
CA PRO A 172 2.04 -5.26 15.41
C PRO A 172 2.81 -5.69 14.17
N SER A 173 2.53 -6.85 13.61
CA SER A 173 3.28 -7.40 12.45
C SER A 173 3.02 -6.58 11.19
N VAL A 174 1.99 -5.73 11.15
CA VAL A 174 1.55 -4.99 9.95
C VAL A 174 1.95 -3.53 10.08
N ILE A 175 2.51 -2.96 9.01
CA ILE A 175 2.81 -1.52 8.94
C ILE A 175 1.50 -0.79 8.72
N ALA A 176 1.05 0.02 9.68
CA ALA A 176 -0.19 0.81 9.58
C ALA A 176 0.14 2.22 9.06
N VAL A 177 -0.53 2.61 7.98
CA VAL A 177 -0.21 3.86 7.26
C VAL A 177 -1.36 4.84 7.36
N GLY A 178 -1.07 6.04 7.91
CA GLY A 178 -2.03 7.15 7.83
C GLY A 178 -1.79 8.08 6.66
N ALA A 179 -2.65 9.07 6.52
CA ALA A 179 -2.69 9.97 5.36
C ALA A 179 -2.34 11.41 5.72
N VAL A 180 -1.44 12.01 4.95
CA VAL A 180 -1.20 13.47 4.97
C VAL A 180 -1.59 14.02 3.61
N ASP A 181 -1.74 15.33 3.59
CA ASP A 181 -1.93 16.09 2.35
C ASP A 181 -0.59 16.61 1.83
N SER A 182 -0.64 17.37 0.76
CA SER A 182 0.57 17.91 0.12
C SER A 182 1.37 18.85 1.03
N SER A 183 0.74 19.42 2.06
CA SER A 183 1.38 20.32 3.04
C SER A 183 1.99 19.50 4.18
N ASN A 184 1.87 18.17 4.17
CA ASN A 184 2.36 17.28 5.26
C ASN A 184 1.43 17.42 6.49
N GLN A 185 0.23 17.96 6.37
CA GLN A 185 -0.72 17.99 7.48
C GLN A 185 -1.53 16.71 7.45
N ARG A 186 -1.79 16.13 8.61
CA ARG A 186 -2.63 14.94 8.70
C ARG A 186 -4.00 15.26 8.12
N ALA A 187 -4.50 14.33 7.31
CA ALA A 187 -5.86 14.43 6.76
C ALA A 187 -6.87 14.15 7.89
N SER A 188 -7.95 14.90 8.00
CA SER A 188 -8.90 14.79 9.13
C SER A 188 -9.48 13.37 9.29
N PHE A 189 -9.63 12.63 8.20
CA PHE A 189 -10.22 11.30 8.21
C PHE A 189 -9.22 10.23 8.64
N SER A 190 -7.92 10.54 8.69
CA SER A 190 -6.91 9.49 8.95
C SER A 190 -7.10 8.94 10.35
N SER A 191 -7.18 7.64 10.47
CA SER A 191 -7.30 6.96 11.77
C SER A 191 -6.07 7.26 12.62
N VAL A 192 -6.27 7.16 13.94
CA VAL A 192 -5.22 7.57 14.91
C VAL A 192 -5.03 6.45 15.95
N GLY A 193 -3.89 6.45 16.59
CA GLY A 193 -3.64 5.60 17.75
C GLY A 193 -2.19 5.21 17.77
N PRO A 194 -1.77 4.50 18.82
CA PRO A 194 -0.37 4.16 18.96
C PRO A 194 0.17 3.12 17.97
N GLU A 195 -0.76 2.45 17.28
CA GLU A 195 -0.47 1.43 16.23
C GLU A 195 -0.04 2.10 14.92
N LEU A 196 -0.26 3.41 14.76
CA LEU A 196 0.18 4.10 13.51
C LEU A 196 1.68 4.00 13.40
N ASP A 197 2.20 3.67 12.23
CA ASP A 197 3.65 3.57 12.00
C ASP A 197 4.17 4.77 11.20
N VAL A 198 3.57 5.05 10.06
CA VAL A 198 4.09 6.09 9.12
C VAL A 198 2.91 6.73 8.42
N MET A 199 3.20 7.85 7.77
CA MET A 199 2.22 8.58 6.94
C MET A 199 2.69 8.60 5.51
N ALA A 200 1.77 8.77 4.58
CA ALA A 200 2.08 8.94 3.18
C ALA A 200 0.94 9.74 2.55
N PRO A 201 1.13 10.26 1.34
CA PRO A 201 0.10 11.10 0.75
C PRO A 201 -1.23 10.37 0.52
N GLY A 202 -2.33 10.99 0.93
CA GLY A 202 -3.64 10.31 0.84
C GLY A 202 -4.77 11.23 0.46
N VAL A 203 -4.53 12.43 -0.07
CA VAL A 203 -5.64 13.34 -0.46
C VAL A 203 -5.39 13.78 -1.89
N SER A 204 -6.41 13.76 -2.76
CA SER A 204 -6.29 14.29 -4.12
C SER A 204 -5.22 13.50 -4.87
N ILE A 205 -5.23 12.19 -4.75
CA ILE A 205 -4.20 11.31 -5.34
C ILE A 205 -4.65 10.90 -6.74
N GLN A 206 -3.99 11.43 -7.75
CA GLN A 206 -4.27 11.02 -9.15
C GLN A 206 -3.71 9.63 -9.41
N SER A 207 -4.52 8.78 -10.01
CA SER A 207 -4.04 7.43 -10.40
C SER A 207 -4.91 6.85 -11.49
N THR A 208 -4.61 5.65 -11.92
CA THR A 208 -5.35 4.88 -12.91
C THR A 208 -6.72 4.48 -12.40
N LEU A 209 -7.74 4.55 -13.27
CA LEU A 209 -9.07 4.02 -13.02
C LEU A 209 -9.47 3.11 -14.19
N PRO A 210 -10.35 2.13 -13.98
CA PRO A 210 -10.74 1.21 -15.03
C PRO A 210 -11.32 1.91 -16.27
N GLY A 211 -11.10 1.26 -17.42
CA GLY A 211 -11.56 1.78 -18.72
C GLY A 211 -10.68 2.91 -19.22
N ASN A 212 -9.38 2.77 -19.02
CA ASN A 212 -8.39 3.73 -19.51
C ASN A 212 -8.76 5.12 -19.06
N LYS A 213 -8.98 5.25 -17.77
CA LYS A 213 -9.27 6.55 -17.15
C LYS A 213 -8.25 6.85 -16.06
N TYR A 214 -8.33 8.05 -15.55
CA TYR A 214 -7.51 8.55 -14.43
C TYR A 214 -8.43 9.38 -13.55
N GLY A 215 -8.11 9.46 -12.26
CA GLY A 215 -8.78 10.41 -11.38
C GLY A 215 -8.23 10.36 -9.99
N ALA A 216 -8.78 11.21 -9.14
CA ALA A 216 -8.27 11.42 -7.78
C ALA A 216 -9.17 10.68 -6.81
N LEU A 217 -8.57 10.02 -5.86
CA LEU A 217 -9.25 9.47 -4.67
C LEU A 217 -8.50 9.97 -3.42
N PHE A 218 -9.16 9.79 -2.30
CA PHE A 218 -8.61 10.14 -0.98
C PHE A 218 -8.86 8.96 -0.06
N GLY A 219 -7.91 8.77 0.87
CA GLY A 219 -8.03 7.71 1.85
C GLY A 219 -6.70 7.19 2.31
N THR A 220 -6.71 6.52 3.45
CA THR A 220 -5.50 5.81 3.91
C THR A 220 -5.16 4.66 2.97
N SER A 221 -6.09 4.15 2.15
CA SER A 221 -5.77 3.17 1.09
C SER A 221 -4.73 3.75 0.15
N MET A 222 -4.94 5.01 -0.25
CA MET A 222 -4.03 5.70 -1.18
C MET A 222 -2.66 5.83 -0.50
N ALA A 223 -2.67 6.21 0.76
CA ALA A 223 -1.43 6.40 1.54
C ALA A 223 -0.68 5.05 1.61
N SER A 224 -1.40 3.99 1.94
CA SER A 224 -0.80 2.63 2.04
CA SER A 224 -0.76 2.66 2.06
C SER A 224 -0.14 2.26 0.71
N ALA A 225 -0.76 2.61 -0.40
CA ALA A 225 -0.25 2.28 -1.74
C ALA A 225 1.15 2.87 -1.92
N HIS A 226 1.35 4.11 -1.48
CA HIS A 226 2.69 4.74 -1.59
C HIS A 226 3.72 3.90 -0.83
N VAL A 227 3.38 3.48 0.39
CA VAL A 227 4.35 2.74 1.23
C VAL A 227 4.63 1.37 0.61
N ALA A 228 3.61 0.69 0.08
CA ALA A 228 3.81 -0.62 -0.58
C ALA A 228 4.75 -0.41 -1.75
N GLY A 229 4.53 0.63 -2.57
CA GLY A 229 5.45 0.90 -3.67
C GLY A 229 6.86 1.19 -3.17
N ALA A 230 6.97 1.94 -2.08
CA ALA A 230 8.28 2.28 -1.53
C ALA A 230 9.01 1.02 -1.08
N ALA A 231 8.30 0.10 -0.44
CA ALA A 231 8.92 -1.19 -0.07
C ALA A 231 9.45 -1.86 -1.31
N ALA A 232 8.70 -1.83 -2.42
CA ALA A 232 9.17 -2.49 -3.65
C ALA A 232 10.44 -1.79 -4.18
N LEU A 233 10.50 -0.46 -4.15
CA LEU A 233 11.74 0.23 -4.58
C LEU A 233 12.90 -0.26 -3.71
N ILE A 234 12.68 -0.28 -2.39
CA ILE A 234 13.76 -0.68 -1.47
C ILE A 234 14.24 -2.10 -1.78
N LEU A 235 13.31 -3.05 -2.00
CA LEU A 235 13.74 -4.43 -2.28
C LEU A 235 14.43 -4.49 -3.65
N SER A 236 14.15 -3.61 -4.59
CA SER A 236 14.88 -3.61 -5.88
C SER A 236 16.34 -3.19 -5.69
N LYS A 237 16.62 -2.34 -4.70
CA LYS A 237 18.01 -1.95 -4.41
C LYS A 237 18.64 -3.02 -3.51
N HIS A 238 17.88 -3.57 -2.57
CA HIS A 238 18.41 -4.40 -1.46
C HIS A 238 17.65 -5.71 -1.42
N PRO A 239 17.88 -6.61 -2.40
CA PRO A 239 17.09 -7.83 -2.48
C PRO A 239 17.27 -8.79 -1.32
N ASN A 240 18.36 -8.64 -0.58
CA ASN A 240 18.61 -9.59 0.52
C ASN A 240 18.28 -8.95 1.86
N TRP A 241 17.74 -7.75 1.90
CA TRP A 241 17.17 -7.21 3.16
C TRP A 241 15.97 -8.06 3.56
N THR A 242 15.84 -8.26 4.86
CA THR A 242 14.64 -8.92 5.41
C THR A 242 13.50 -7.93 5.40
N ASN A 243 12.28 -8.46 5.52
CA ASN A 243 11.12 -7.57 5.69
C ASN A 243 11.31 -6.68 6.94
N THR A 244 11.86 -7.21 8.03
CA THR A 244 12.12 -6.39 9.24
C THR A 244 13.02 -5.20 8.86
N GLN A 245 14.05 -5.43 8.05
CA GLN A 245 14.98 -4.38 7.64
C GLN A 245 14.26 -3.37 6.75
N VAL A 246 13.43 -3.83 5.82
CA VAL A 246 12.72 -2.89 4.90
C VAL A 246 11.82 -2.02 5.79
N ARG A 247 11.09 -2.63 6.72
CA ARG A 247 10.20 -1.87 7.62
C ARG A 247 10.98 -0.84 8.41
N SER A 248 12.10 -1.22 9.02
CA SER A 248 12.89 -0.27 9.79
C SER A 248 13.42 0.85 8.90
N SER A 249 13.81 0.54 7.67
CA SER A 249 14.36 1.55 6.76
C SER A 249 13.32 2.66 6.56
N LEU A 250 12.05 2.32 6.45
CA LEU A 250 10.98 3.31 6.18
C LEU A 250 10.68 4.04 7.48
N GLU A 251 10.61 3.31 8.56
CA GLU A 251 10.20 3.96 9.84
C GLU A 251 11.31 4.85 10.39
N ASN A 252 12.58 4.51 10.16
CA ASN A 252 13.71 5.17 10.86
C ASN A 252 14.23 6.34 10.05
N THR A 253 13.68 6.63 8.87
CA THR A 253 14.20 7.70 7.97
C THR A 253 13.07 8.64 7.54
N THR A 254 11.97 8.63 8.28
CA THR A 254 10.85 9.55 8.02
C THR A 254 11.23 11.02 8.25
N THR A 255 10.47 11.89 7.64
CA THR A 255 10.45 13.32 8.00
C THR A 255 9.46 13.39 9.17
N LYS A 256 9.96 13.76 10.33
CA LYS A 256 9.18 13.88 11.56
C LYS A 256 8.08 14.95 11.35
N LEU A 257 6.85 14.60 11.74
CA LEU A 257 5.75 15.57 11.71
C LEU A 257 5.25 15.74 13.15
N GLY A 258 3.96 15.55 13.38
CA GLY A 258 3.38 15.80 14.71
C GLY A 258 3.47 14.60 15.61
N ASP A 259 2.59 14.56 16.59
CA ASP A 259 2.66 13.52 17.61
C ASP A 259 2.47 12.13 16.99
N SER A 260 3.11 11.15 17.59
CA SER A 260 3.08 9.75 17.12
C SER A 260 1.65 9.21 17.07
N PHE A 261 0.76 9.62 17.98
CA PHE A 261 -0.62 9.12 17.99
C PHE A 261 -1.37 9.49 16.71
N TYR A 262 -1.01 10.61 16.09
CA TYR A 262 -1.64 11.19 14.90
C TYR A 262 -0.82 10.95 13.64
N TYR A 263 0.50 10.84 13.77
CA TYR A 263 1.41 10.83 12.59
C TYR A 263 2.37 9.64 12.59
N GLY A 264 2.35 8.81 13.61
CA GLY A 264 3.39 7.81 13.74
C GLY A 264 4.77 8.46 13.67
N LYS A 265 5.68 7.82 12.96
CA LYS A 265 7.06 8.33 12.82
C LYS A 265 7.14 9.50 11.88
N GLY A 266 6.08 9.77 11.12
CA GLY A 266 6.08 10.87 10.15
C GLY A 266 5.98 10.37 8.72
N LEU A 267 6.33 11.25 7.79
CA LEU A 267 6.19 11.00 6.36
C LEU A 267 7.35 10.14 5.86
N ILE A 268 7.06 9.08 5.12
CA ILE A 268 8.13 8.27 4.52
C ILE A 268 8.92 9.09 3.52
N ASN A 269 10.19 8.72 3.42
CA ASN A 269 11.16 9.27 2.47
C ASN A 269 11.90 8.07 1.95
N VAL A 270 11.51 7.61 0.77
CA VAL A 270 12.10 6.36 0.26
C VAL A 270 13.54 6.59 -0.19
N GLN A 271 13.93 7.80 -0.58
CA GLN A 271 15.34 8.11 -0.91
C GLN A 271 16.21 7.86 0.33
N ALA A 272 15.78 8.35 1.49
CA ALA A 272 16.55 8.18 2.73
C ALA A 272 16.49 6.70 3.14
N ALA A 273 15.32 6.08 3.05
CA ALA A 273 15.18 4.67 3.47
C ALA A 273 16.12 3.77 2.67
N ALA A 274 16.35 4.07 1.41
CA ALA A 274 17.17 3.23 0.54
C ALA A 274 18.65 3.40 0.88
N GLN A 275 19.03 4.32 1.75
CA GLN A 275 20.46 4.46 2.12
C GLN A 275 20.88 3.36 3.10
N HIS A 276 20.04 3.01 4.07
CA HIS A 276 20.42 2.00 5.07
C HIS A 276 19.19 1.68 5.90
N HIS A 277 19.13 0.45 6.39
CA HIS A 277 17.93 -0.04 7.11
C HIS A 277 17.85 0.42 8.56
N HIS A 278 18.98 0.73 9.18
CA HIS A 278 19.02 1.22 10.58
C HIS A 278 18.33 0.23 11.50
N HIS A 279 18.40 -1.05 11.23
CA HIS A 279 17.90 -2.11 12.13
C HIS A 279 19.11 -2.71 12.85
N HIS A 280 19.27 -2.39 14.13
CA HIS A 280 20.38 -2.82 15.02
C HIS A 280 21.66 -2.04 14.69
N HIS A 281 22.20 -2.12 13.47
CA HIS A 281 23.51 -1.49 13.09
C HIS A 281 23.31 -0.58 11.87
CA CA B . 2.49 6.29 -17.33
C1 IPA C . -4.82 18.16 14.52
C2 IPA C . -4.33 16.76 14.53
C3 IPA C . -3.01 16.57 15.14
O2 IPA C . -4.23 16.25 13.17
C1 IPA D . 8.91 -13.18 0.80
C2 IPA D . 8.58 -14.10 -0.35
C3 IPA D . 7.15 -14.43 -0.41
O2 IPA D . 9.31 -15.30 -0.23
#